data_4QIN
#
_entry.id   4QIN
#
_cell.length_a   72.220
_cell.length_b   158.930
_cell.length_c   60.020
_cell.angle_alpha   90.00
_cell.angle_beta   90.26
_cell.angle_gamma   90.00
#
_symmetry.space_group_name_H-M   'C 1 2 1'
#
loop_
_entity.id
_entity.type
_entity.pdbx_description
1 polymer 'Smoothened homolog/Soluble cytochrome b562 chimeric protein'
2 non-polymer 3-chloro-4,7-difluoro-N-[trans-4-(methylamino)cyclohexyl]-N-[3-(pyridin-4-yl)benzyl]-1-benzothiophene-2-carboxamide
3 water water
#
_entity_poly.entity_id   1
_entity_poly.type   'polypeptide(L)'
_entity_poly.pdbx_seq_one_letter_code
;GGTSGQCEVPLVRTDNPKSWYEDVEGCGIQCQNPLFTEAEHQDMHSYIAAFGAVTGLCTLFTLATFVADWRNSNRYPAVI
LFYVNACFFVGSIGWLAQFMDGARREIVCRADGTMRLGEPTSNETLSCVIIFVIVYYALMAGVVWFVVLTYAWHTSFKAL
GTTYQPLSGKTSYFHLLTWSLPFVLTVAILAVAQVDGDSVSGICFVGYKNYRYRAGFVLAPIGLVLIVGGYFLIRGVMTL
FSIKSNHADLEDNWETLNDNLKVIEKADNAAQVKDALTKMRAAALDAQKATPPKLEDKSPDSPEMKDFRHGFDILVGQID
DALKLANEGKVKEAQAAAEQLKTTRNAYIQKYLAASKINETMLRLGIFGFLAFGFVLITFSCHFYDFFNQAEWERSFRDY
VLCQANVTIGLPTKQPIPDCEIKNRPSLLVEKINLFAMFGTGIAMSTWVWTKATLLIWRRTWCRLTGQ
;
_entity_poly.pdbx_strand_id   A
#
loop_
_chem_comp.id
_chem_comp.type
_chem_comp.name
_chem_comp.formula
SG8 non-polymer 3-chloro-4,7-difluoro-N-[trans-4-(methylamino)cyclohexyl]-N-[3-(pyridin-4-yl)benzyl]-1-benzothiophene-2-carboxamide 'C28 H26 Cl F2 N3 O S'
#
# COMPACT_ATOMS: atom_id res chain seq x y z
N GLN A 6 -30.96 -0.65 41.93
CA GLN A 6 -31.11 -1.98 41.35
C GLN A 6 -29.81 -2.43 40.66
N CYS A 7 -29.01 -1.45 40.21
CA CYS A 7 -27.81 -1.68 39.41
C CYS A 7 -26.57 -1.31 40.14
N GLU A 8 -25.55 -2.15 39.98
CA GLU A 8 -24.22 -1.93 40.54
C GLU A 8 -23.23 -1.81 39.41
N VAL A 9 -22.18 -0.96 39.60
CA VAL A 9 -21.05 -0.74 38.71
C VAL A 9 -20.56 -2.10 38.10
N PRO A 10 -20.28 -2.20 36.78
CA PRO A 10 -20.29 -1.13 35.76
C PRO A 10 -21.69 -0.91 35.15
N LEU A 11 -22.72 -1.66 35.60
CA LEU A 11 -24.08 -1.45 35.09
C LEU A 11 -24.66 -0.16 35.67
N VAL A 12 -25.72 0.34 35.03
CA VAL A 12 -26.34 1.61 35.34
C VAL A 12 -27.86 1.47 35.14
N ARG A 13 -28.61 2.19 35.98
CA ARG A 13 -30.06 2.19 36.00
C ARG A 13 -30.59 2.79 34.69
N THR A 14 -31.45 2.03 33.99
CA THR A 14 -32.08 2.41 32.72
C THR A 14 -33.36 1.61 32.54
N ASP A 15 -34.44 2.26 32.11
CA ASP A 15 -35.73 1.59 31.89
C ASP A 15 -35.97 1.26 30.40
N ASN A 16 -34.94 1.38 29.55
CA ASN A 16 -35.05 1.08 28.14
C ASN A 16 -34.63 -0.38 27.88
N PRO A 17 -35.56 -1.26 27.42
CA PRO A 17 -35.20 -2.67 27.18
C PRO A 17 -34.04 -2.83 26.19
N LYS A 18 -33.85 -1.86 25.27
CA LYS A 18 -32.75 -1.90 24.31
C LYS A 18 -31.41 -1.60 25.04
N SER A 19 -31.47 -0.81 26.12
CA SER A 19 -30.25 -0.46 26.87
C SER A 19 -29.86 -1.54 27.86
N TRP A 20 -30.82 -2.37 28.30
CA TRP A 20 -30.56 -3.40 29.31
C TRP A 20 -29.50 -4.40 28.89
N TYR A 21 -28.77 -4.87 29.88
CA TYR A 21 -27.71 -5.84 29.74
C TYR A 21 -28.34 -7.23 29.53
N GLU A 22 -27.54 -8.18 28.99
CA GLU A 22 -27.92 -9.57 28.73
C GLU A 22 -28.41 -10.25 30.03
N ASP A 23 -29.70 -10.71 30.07
CA ASP A 23 -30.41 -11.40 31.18
C ASP A 23 -30.98 -10.39 32.24
N VAL A 24 -30.14 -9.40 32.65
CA VAL A 24 -30.44 -8.36 33.65
C VAL A 24 -31.48 -7.36 33.13
N GLU A 25 -32.45 -7.01 33.97
CA GLU A 25 -33.47 -6.02 33.66
C GLU A 25 -33.17 -4.73 34.41
N GLY A 26 -33.62 -3.61 33.88
CA GLY A 26 -33.45 -2.29 34.47
C GLY A 26 -32.02 -1.77 34.54
N CYS A 27 -31.05 -2.59 34.13
CA CYS A 27 -29.65 -2.24 34.19
C CYS A 27 -29.00 -2.43 32.84
N GLY A 28 -28.19 -1.45 32.47
CA GLY A 28 -27.46 -1.41 31.21
C GLY A 28 -26.06 -0.96 31.49
N ILE A 29 -25.12 -1.28 30.60
CA ILE A 29 -23.70 -1.00 30.77
C ILE A 29 -23.42 0.51 30.56
N GLN A 30 -22.77 1.16 31.55
CA GLN A 30 -22.43 2.59 31.52
C GLN A 30 -21.65 2.95 30.22
N CYS A 31 -21.91 4.16 29.67
CA CYS A 31 -21.31 4.68 28.43
C CYS A 31 -19.78 4.72 28.50
N GLN A 32 -19.20 5.37 29.55
CA GLN A 32 -17.74 5.45 29.66
C GLN A 32 -17.24 4.02 29.77
N ASN A 33 -16.33 3.62 28.84
CA ASN A 33 -15.79 2.26 28.71
C ASN A 33 -15.29 1.78 30.07
N PRO A 34 -16.02 0.79 30.65
CA PRO A 34 -15.69 0.30 32.01
C PRO A 34 -14.31 -0.36 32.13
N LEU A 35 -13.79 -0.85 30.99
CA LEU A 35 -12.50 -1.54 30.92
C LEU A 35 -11.35 -0.53 30.97
N PHE A 36 -11.64 0.77 30.91
CA PHE A 36 -10.55 1.72 30.93
C PHE A 36 -10.89 2.85 31.88
N THR A 37 -9.84 3.34 32.54
CA THR A 37 -9.90 4.39 33.54
C THR A 37 -9.95 5.75 32.85
N GLU A 38 -10.52 6.77 33.53
CA GLU A 38 -10.61 8.15 33.03
C GLU A 38 -9.23 8.69 32.64
N ALA A 39 -8.13 8.18 33.24
CA ALA A 39 -6.75 8.57 32.89
C ALA A 39 -6.36 7.96 31.54
N GLU A 40 -6.63 6.64 31.36
CA GLU A 40 -6.35 5.89 30.13
C GLU A 40 -7.08 6.54 28.94
N HIS A 41 -8.36 7.00 29.19
CA HIS A 41 -9.21 7.71 28.23
C HIS A 41 -8.60 9.01 27.82
N GLN A 42 -8.34 9.91 28.81
CA GLN A 42 -7.77 11.24 28.61
C GLN A 42 -6.45 11.18 27.83
N ASP A 43 -5.64 10.13 28.07
CA ASP A 43 -4.36 9.89 27.39
C ASP A 43 -4.61 9.52 25.94
N MET A 44 -5.51 8.55 25.71
CA MET A 44 -5.90 8.08 24.39
C MET A 44 -6.43 9.26 23.59
N HIS A 45 -7.35 10.09 24.18
CA HIS A 45 -7.88 11.28 23.50
C HIS A 45 -6.77 12.25 23.11
N SER A 46 -5.64 12.25 23.85
CA SER A 46 -4.47 13.10 23.54
C SER A 46 -3.72 12.56 22.31
N TYR A 47 -3.61 11.20 22.21
CA TYR A 47 -2.96 10.49 21.11
C TYR A 47 -3.74 10.72 19.81
N ILE A 48 -5.07 10.49 19.83
CA ILE A 48 -6.00 10.68 18.71
C ILE A 48 -5.94 12.13 18.23
N ALA A 49 -6.05 13.13 19.14
CA ALA A 49 -5.99 14.54 18.76
C ALA A 49 -4.66 14.91 18.10
N ALA A 50 -3.52 14.34 18.56
CA ALA A 50 -2.19 14.63 18.03
C ALA A 50 -2.06 14.10 16.60
N PHE A 51 -2.23 12.77 16.41
CA PHE A 51 -2.14 12.12 15.11
C PHE A 51 -3.23 12.62 14.17
N GLY A 52 -4.45 12.80 14.70
CA GLY A 52 -5.58 13.31 13.94
C GLY A 52 -5.37 14.73 13.43
N ALA A 53 -4.91 15.62 14.32
CA ALA A 53 -4.64 17.00 13.95
C ALA A 53 -3.51 17.11 12.93
N VAL A 54 -2.39 16.36 13.12
CA VAL A 54 -1.25 16.46 12.19
C VAL A 54 -1.63 15.83 10.82
N THR A 55 -2.46 14.76 10.82
CA THR A 55 -2.88 14.12 9.57
C THR A 55 -3.86 15.07 8.89
N GLY A 56 -4.94 15.42 9.59
CA GLY A 56 -5.98 16.32 9.12
C GLY A 56 -5.53 17.55 8.34
N LEU A 57 -4.56 18.33 8.86
CA LEU A 57 -4.13 19.57 8.19
C LEU A 57 -3.04 19.30 7.12
N CYS A 58 -2.18 18.27 7.29
CA CYS A 58 -1.17 18.02 6.27
C CYS A 58 -1.82 17.29 5.04
N THR A 59 -2.93 16.54 5.25
CA THR A 59 -3.70 15.93 4.16
C THR A 59 -4.46 17.01 3.44
N LEU A 60 -4.94 18.00 4.21
CA LEU A 60 -5.65 19.19 3.74
C LEU A 60 -4.72 20.06 2.90
N PHE A 61 -3.44 20.13 3.30
CA PHE A 61 -2.40 20.86 2.60
C PHE A 61 -2.20 20.22 1.22
N THR A 62 -1.99 18.89 1.19
CA THR A 62 -1.77 18.10 0.00
C THR A 62 -3.05 18.13 -0.85
N LEU A 63 -4.22 18.13 -0.21
CA LEU A 63 -5.52 18.21 -0.92
C LEU A 63 -5.69 19.61 -1.54
N ALA A 64 -5.11 20.64 -0.88
CA ALA A 64 -5.10 22.03 -1.35
C ALA A 64 -4.08 22.20 -2.50
N THR A 65 -2.93 21.49 -2.42
CA THR A 65 -1.88 21.51 -3.44
C THR A 65 -2.45 20.93 -4.74
N PHE A 66 -3.13 19.77 -4.66
CA PHE A 66 -3.74 19.13 -5.83
C PHE A 66 -4.86 20.00 -6.41
N VAL A 67 -5.69 20.66 -5.59
CA VAL A 67 -6.79 21.47 -6.12
C VAL A 67 -6.21 22.79 -6.76
N ALA A 68 -4.99 23.21 -6.36
CA ALA A 68 -4.36 24.40 -6.94
C ALA A 68 -3.99 24.15 -8.41
N ASP A 69 -3.29 23.03 -8.66
CA ASP A 69 -2.83 22.58 -9.96
C ASP A 69 -3.78 21.49 -10.51
N TRP A 70 -5.11 21.64 -10.24
CA TRP A 70 -6.17 20.65 -10.51
C TRP A 70 -6.28 20.24 -11.97
N ARG A 71 -5.83 21.06 -12.92
CA ARG A 71 -5.86 20.67 -14.34
C ARG A 71 -4.82 19.56 -14.57
N ASN A 72 -3.59 19.77 -14.02
CA ASN A 72 -2.43 18.88 -14.11
C ASN A 72 -2.46 17.79 -12.99
N SER A 73 -3.40 17.93 -12.03
CA SER A 73 -3.52 16.97 -10.93
C SER A 73 -4.47 15.83 -11.30
N ASN A 74 -5.40 16.05 -12.26
CA ASN A 74 -6.31 15.00 -12.73
C ASN A 74 -5.58 14.09 -13.72
N ARG A 75 -4.24 14.13 -13.70
CA ARG A 75 -3.33 13.32 -14.52
C ARG A 75 -2.65 12.25 -13.66
N TYR A 76 -2.89 10.96 -13.98
CA TYR A 76 -2.32 9.79 -13.30
C TYR A 76 -0.80 9.86 -13.13
N PRO A 77 -0.23 9.44 -11.99
CA PRO A 77 -0.89 8.84 -10.82
C PRO A 77 -1.31 9.86 -9.76
N ALA A 78 -1.17 11.17 -10.04
CA ALA A 78 -1.52 12.26 -9.11
C ALA A 78 -2.97 12.15 -8.64
N VAL A 79 -3.91 11.97 -9.58
CA VAL A 79 -5.35 11.85 -9.31
C VAL A 79 -5.61 10.74 -8.27
N ILE A 80 -4.77 9.69 -8.23
CA ILE A 80 -4.92 8.61 -7.27
C ILE A 80 -4.59 9.16 -5.88
N LEU A 81 -3.38 9.76 -5.74
CA LEU A 81 -2.89 10.31 -4.47
C LEU A 81 -3.83 11.39 -3.97
N PHE A 82 -4.52 12.07 -4.90
CA PHE A 82 -5.52 13.07 -4.56
C PHE A 82 -6.65 12.42 -3.78
N TYR A 83 -7.19 11.31 -4.29
CA TYR A 83 -8.30 10.62 -3.65
C TYR A 83 -7.85 9.90 -2.40
N VAL A 84 -6.65 9.31 -2.43
CA VAL A 84 -6.08 8.69 -1.25
C VAL A 84 -6.10 9.75 -0.13
N ASN A 85 -5.65 11.00 -0.44
CA ASN A 85 -5.68 12.11 0.49
C ASN A 85 -7.12 12.50 0.85
N ALA A 86 -8.05 12.60 -0.14
CA ALA A 86 -9.46 12.94 0.14
C ALA A 86 -10.04 12.06 1.23
N CYS A 87 -9.66 10.75 1.25
CA CYS A 87 -10.09 9.69 2.18
C CYS A 87 -9.46 9.86 3.55
N PHE A 88 -8.12 10.01 3.65
CA PHE A 88 -7.50 10.18 4.96
C PHE A 88 -7.87 11.50 5.59
N PHE A 89 -8.20 12.50 4.77
CA PHE A 89 -8.64 13.79 5.27
C PHE A 89 -10.07 13.65 5.85
N VAL A 90 -10.98 12.95 5.17
CA VAL A 90 -12.36 12.75 5.63
C VAL A 90 -12.34 11.85 6.91
N GLY A 91 -11.50 10.82 6.91
CA GLY A 91 -11.34 9.92 8.05
C GLY A 91 -10.82 10.63 9.29
N SER A 92 -9.91 11.61 9.10
CA SER A 92 -9.35 12.45 10.15
C SER A 92 -10.46 13.32 10.71
N ILE A 93 -11.31 13.95 9.83
CA ILE A 93 -12.45 14.76 10.27
C ILE A 93 -13.31 13.93 11.24
N GLY A 94 -13.75 12.74 10.82
CA GLY A 94 -14.55 11.81 11.61
C GLY A 94 -13.96 11.46 12.97
N TRP A 95 -12.64 11.19 13.00
CA TRP A 95 -11.87 10.91 14.21
C TRP A 95 -11.72 12.14 15.09
N LEU A 96 -11.71 13.33 14.48
CA LEU A 96 -11.53 14.58 15.21
C LEU A 96 -12.89 15.14 15.66
N ALA A 97 -13.99 14.45 15.34
CA ALA A 97 -15.28 14.94 15.79
C ALA A 97 -15.43 14.81 17.32
N GLN A 98 -14.83 13.79 17.96
CA GLN A 98 -14.92 13.57 19.42
C GLN A 98 -14.33 14.74 20.27
N PHE A 99 -13.61 15.66 19.63
CA PHE A 99 -12.96 16.76 20.34
C PHE A 99 -13.85 18.01 20.47
N MET A 100 -14.88 18.15 19.63
CA MET A 100 -15.82 19.28 19.71
C MET A 100 -16.54 19.23 21.06
N ASP A 101 -16.68 20.40 21.73
CA ASP A 101 -17.27 20.50 23.07
C ASP A 101 -18.52 19.61 23.20
N GLY A 102 -18.36 18.58 24.02
CA GLY A 102 -19.38 17.57 24.36
C GLY A 102 -19.82 16.62 23.26
N ALA A 103 -19.08 16.57 22.13
CA ALA A 103 -19.44 15.73 20.99
C ALA A 103 -19.21 14.24 21.26
N ARG A 104 -18.11 13.85 21.97
CA ARG A 104 -17.80 12.44 22.24
C ARG A 104 -18.93 11.74 22.97
N ARG A 105 -19.53 12.39 23.99
CA ARG A 105 -20.67 11.79 24.71
C ARG A 105 -21.85 11.70 23.77
N GLU A 106 -22.01 12.68 22.89
CA GLU A 106 -23.11 12.68 21.93
C GLU A 106 -22.94 11.52 20.94
N ILE A 107 -21.70 11.20 20.54
CA ILE A 107 -21.40 10.15 19.57
C ILE A 107 -21.51 8.77 20.20
N VAL A 108 -20.76 8.51 21.29
CA VAL A 108 -20.58 7.21 21.98
C VAL A 108 -21.68 6.88 23.06
N CYS A 109 -22.40 7.87 23.65
CA CYS A 109 -23.39 7.56 24.72
C CYS A 109 -24.80 7.56 24.21
N ARG A 110 -25.66 6.82 24.92
CA ARG A 110 -27.10 6.83 24.72
C ARG A 110 -27.70 7.92 25.61
N ALA A 111 -28.97 8.26 25.37
CA ALA A 111 -29.75 9.21 26.15
C ALA A 111 -29.72 8.87 27.69
N ASP A 112 -29.98 7.57 28.02
CA ASP A 112 -30.06 7.01 29.37
C ASP A 112 -28.67 6.80 30.04
N GLY A 113 -27.60 7.13 29.34
CA GLY A 113 -26.25 7.06 29.89
C GLY A 113 -25.52 5.76 29.66
N THR A 114 -26.16 4.85 28.91
CA THR A 114 -25.51 3.61 28.57
C THR A 114 -24.73 3.82 27.27
N MET A 115 -23.90 2.83 26.89
CA MET A 115 -23.13 2.82 25.67
C MET A 115 -24.07 2.75 24.45
N ARG A 116 -23.76 3.54 23.41
CA ARG A 116 -24.49 3.56 22.14
C ARG A 116 -24.11 2.27 21.38
N LEU A 117 -25.01 1.30 21.35
CA LEU A 117 -24.72 -0.03 20.78
C LEU A 117 -25.85 -0.48 19.85
N GLY A 118 -25.49 -1.28 18.84
CA GLY A 118 -26.44 -1.80 17.86
C GLY A 118 -27.20 -0.72 17.10
N GLU A 119 -26.52 0.41 16.88
CA GLU A 119 -27.00 1.56 16.14
C GLU A 119 -26.94 1.22 14.62
N PRO A 120 -27.85 1.69 13.73
CA PRO A 120 -28.92 2.66 13.95
C PRO A 120 -30.13 2.07 14.69
N THR A 121 -30.69 2.89 15.58
CA THR A 121 -31.91 2.65 16.36
C THR A 121 -32.80 3.88 16.29
N SER A 122 -34.10 3.68 16.52
CA SER A 122 -35.02 4.80 16.61
C SER A 122 -34.96 5.31 18.05
N ASN A 123 -35.40 6.57 18.26
CA ASN A 123 -35.43 7.23 19.58
C ASN A 123 -33.99 7.66 20.01
N GLU A 124 -32.95 7.23 19.26
CA GLU A 124 -31.55 7.65 19.48
C GLU A 124 -31.13 8.52 18.28
N THR A 125 -30.11 9.40 18.46
CA THR A 125 -29.68 10.36 17.45
C THR A 125 -28.65 9.78 16.42
N LEU A 126 -28.55 10.52 15.32
CA LEU A 126 -27.78 10.34 14.10
C LEU A 126 -26.26 10.52 14.30
N SER A 127 -25.85 11.21 15.38
CA SER A 127 -24.45 11.53 15.66
C SER A 127 -23.52 10.31 15.56
N CYS A 128 -23.97 9.14 16.03
CA CYS A 128 -23.20 7.89 16.00
C CYS A 128 -22.97 7.43 14.54
N VAL A 129 -24.06 7.08 13.83
CA VAL A 129 -24.06 6.56 12.47
C VAL A 129 -23.30 7.53 11.49
N ILE A 130 -23.47 8.87 11.60
CA ILE A 130 -22.74 9.83 10.76
C ILE A 130 -21.24 9.59 10.88
N ILE A 131 -20.68 9.65 12.13
CA ILE A 131 -19.22 9.50 12.38
C ILE A 131 -18.79 8.10 11.93
N PHE A 132 -19.65 7.08 12.06
CA PHE A 132 -19.28 5.78 11.54
C PHE A 132 -19.13 5.82 9.99
N VAL A 133 -20.15 6.34 9.28
CA VAL A 133 -20.14 6.36 7.84
C VAL A 133 -18.90 7.12 7.36
N ILE A 134 -18.65 8.31 7.90
CA ILE A 134 -17.49 9.14 7.57
C ILE A 134 -16.21 8.30 7.70
N VAL A 135 -15.96 7.70 8.87
CA VAL A 135 -14.72 6.96 9.17
C VAL A 135 -14.63 5.67 8.32
N TYR A 136 -15.71 4.89 8.26
CA TYR A 136 -15.70 3.61 7.58
C TYR A 136 -15.69 3.77 6.06
N TYR A 137 -16.55 4.66 5.51
CA TYR A 137 -16.64 4.84 4.06
C TYR A 137 -15.32 5.42 3.52
N ALA A 138 -14.72 6.42 4.20
CA ALA A 138 -13.42 6.95 3.78
C ALA A 138 -12.32 5.88 3.87
N LEU A 139 -12.40 4.97 4.88
CA LEU A 139 -11.46 3.85 5.08
C LEU A 139 -11.52 2.90 3.89
N MET A 140 -12.70 2.32 3.63
CA MET A 140 -12.84 1.34 2.56
C MET A 140 -12.55 1.98 1.21
N ALA A 141 -12.97 3.25 0.97
CA ALA A 141 -12.66 3.98 -0.28
C ALA A 141 -11.17 4.23 -0.39
N GLY A 142 -10.52 4.45 0.74
CA GLY A 142 -9.08 4.69 0.84
C GLY A 142 -8.27 3.46 0.50
N VAL A 143 -8.66 2.28 1.04
CA VAL A 143 -7.93 1.04 0.75
C VAL A 143 -8.24 0.54 -0.68
N VAL A 144 -9.37 0.95 -1.28
CA VAL A 144 -9.68 0.53 -2.65
C VAL A 144 -8.94 1.51 -3.60
N TRP A 145 -8.79 2.80 -3.19
CA TRP A 145 -7.98 3.72 -3.97
C TRP A 145 -6.53 3.29 -3.88
N PHE A 146 -6.14 2.63 -2.78
CA PHE A 146 -4.79 2.09 -2.59
C PHE A 146 -4.56 0.96 -3.59
N VAL A 147 -5.58 0.11 -3.80
CA VAL A 147 -5.49 -0.98 -4.78
C VAL A 147 -5.29 -0.36 -6.17
N VAL A 148 -6.06 0.71 -6.52
CA VAL A 148 -5.98 1.45 -7.80
C VAL A 148 -4.53 1.92 -7.99
N LEU A 149 -3.91 2.46 -6.93
CA LEU A 149 -2.51 2.91 -6.89
C LEU A 149 -1.57 1.78 -7.23
N THR A 150 -1.79 0.60 -6.62
CA THR A 150 -0.92 -0.56 -6.87
C THR A 150 -1.09 -1.03 -8.31
N TYR A 151 -2.30 -0.92 -8.87
CA TYR A 151 -2.55 -1.33 -10.26
C TYR A 151 -1.83 -0.41 -11.24
N ALA A 152 -1.96 0.93 -11.04
CA ALA A 152 -1.33 2.00 -11.81
C ALA A 152 0.16 1.82 -11.83
N TRP A 153 0.76 1.59 -10.64
CA TRP A 153 2.19 1.35 -10.50
C TRP A 153 2.61 0.06 -11.24
N HIS A 154 1.79 -0.97 -11.19
CA HIS A 154 2.09 -2.22 -11.89
C HIS A 154 2.01 -2.01 -13.41
N THR A 155 1.01 -1.22 -13.89
CA THR A 155 0.73 -0.88 -15.29
C THR A 155 1.86 -0.04 -15.95
N SER A 156 2.65 0.71 -15.14
CA SER A 156 3.76 1.54 -15.61
C SER A 156 4.84 0.72 -16.34
N PHE A 157 5.06 -0.52 -15.89
CA PHE A 157 6.09 -1.42 -16.41
C PHE A 157 5.66 -2.13 -17.70
N LYS A 158 4.43 -2.69 -17.76
CA LYS A 158 3.93 -3.40 -18.96
C LYS A 158 3.87 -2.44 -20.16
N ALA A 159 3.36 -1.20 -19.94
CA ALA A 159 3.29 -0.17 -20.97
C ALA A 159 4.66 0.53 -21.09
N LEU A 160 5.61 -0.21 -21.69
CA LEU A 160 7.01 0.21 -21.93
C LEU A 160 7.20 0.59 -23.43
N GLY A 161 6.09 0.70 -24.17
CA GLY A 161 6.03 1.06 -25.58
C GLY A 161 4.69 1.63 -26.00
N THR A 162 4.19 1.18 -27.17
CA THR A 162 2.91 1.64 -27.75
C THR A 162 1.78 0.60 -27.44
N THR A 163 1.97 -0.23 -26.39
CA THR A 163 0.97 -1.18 -25.88
C THR A 163 0.00 -0.37 -24.99
N TYR A 164 0.23 0.96 -24.99
CA TYR A 164 -0.38 2.07 -24.27
C TYR A 164 -1.91 2.07 -24.35
N GLN A 165 -2.50 1.74 -23.21
CA GLN A 165 -3.92 1.81 -22.88
C GLN A 165 -3.95 2.76 -21.68
N PRO A 166 -4.18 4.08 -21.91
CA PRO A 166 -4.07 5.06 -20.82
C PRO A 166 -5.02 4.82 -19.65
N LEU A 167 -4.53 5.11 -18.43
CA LEU A 167 -5.30 4.99 -17.18
C LEU A 167 -6.46 5.98 -17.21
N SER A 168 -6.33 7.03 -18.04
CA SER A 168 -7.28 8.11 -18.33
C SER A 168 -8.66 7.57 -18.74
N GLY A 169 -8.68 6.39 -19.38
CA GLY A 169 -9.88 5.69 -19.81
C GLY A 169 -10.42 4.78 -18.73
N LYS A 170 -9.50 4.15 -17.94
CA LYS A 170 -9.79 3.25 -16.82
C LYS A 170 -10.42 4.01 -15.62
N THR A 171 -10.26 5.37 -15.56
CA THR A 171 -10.79 6.27 -14.53
C THR A 171 -12.26 5.99 -14.18
N SER A 172 -13.07 5.61 -15.19
CA SER A 172 -14.49 5.32 -15.03
C SER A 172 -14.72 4.02 -14.21
N TYR A 173 -13.78 3.05 -14.28
CA TYR A 173 -13.87 1.78 -13.56
C TYR A 173 -13.26 1.97 -12.16
N PHE A 174 -12.25 2.87 -12.05
CA PHE A 174 -11.59 3.21 -10.79
C PHE A 174 -12.58 3.89 -9.84
N HIS A 175 -13.43 4.77 -10.37
CA HIS A 175 -14.46 5.46 -9.61
C HIS A 175 -15.71 4.57 -9.43
N LEU A 176 -15.79 3.45 -10.16
CA LEU A 176 -16.86 2.46 -10.00
C LEU A 176 -16.62 1.72 -8.70
N LEU A 177 -15.48 1.03 -8.65
CA LEU A 177 -15.01 0.21 -7.54
C LEU A 177 -14.78 1.01 -6.26
N THR A 178 -14.13 2.18 -6.35
CA THR A 178 -13.76 2.95 -5.16
C THR A 178 -14.95 3.62 -4.48
N TRP A 179 -16.14 3.64 -5.10
CA TRP A 179 -17.25 4.26 -4.40
C TRP A 179 -18.45 3.31 -4.30
N SER A 180 -18.49 2.22 -5.09
CA SER A 180 -19.60 1.27 -4.99
C SER A 180 -19.34 0.27 -3.85
N LEU A 181 -18.08 -0.18 -3.70
CA LEU A 181 -17.66 -1.16 -2.68
C LEU A 181 -17.87 -0.59 -1.27
N PRO A 182 -17.40 0.63 -0.91
CA PRO A 182 -17.67 1.13 0.44
C PRO A 182 -19.15 1.37 0.66
N PHE A 183 -19.90 1.87 -0.36
CA PHE A 183 -21.34 2.13 -0.26
C PHE A 183 -22.10 0.89 0.09
N VAL A 184 -21.83 -0.23 -0.61
CA VAL A 184 -22.52 -1.51 -0.41
C VAL A 184 -22.18 -2.06 0.97
N LEU A 185 -20.92 -1.97 1.40
CA LEU A 185 -20.53 -2.46 2.71
C LEU A 185 -21.12 -1.61 3.80
N THR A 186 -21.15 -0.27 3.64
CA THR A 186 -21.72 0.64 4.63
C THR A 186 -23.24 0.38 4.76
N VAL A 187 -23.99 0.40 3.65
CA VAL A 187 -25.44 0.11 3.61
C VAL A 187 -25.75 -1.18 4.37
N ALA A 188 -24.92 -2.24 4.17
CA ALA A 188 -25.10 -3.54 4.81
C ALA A 188 -24.94 -3.44 6.33
N ILE A 189 -23.95 -2.65 6.81
CA ILE A 189 -23.69 -2.47 8.24
C ILE A 189 -24.89 -1.83 8.90
N LEU A 190 -25.45 -0.79 8.26
CA LEU A 190 -26.59 -0.04 8.77
C LEU A 190 -27.87 -0.88 8.76
N ALA A 191 -28.02 -1.72 7.73
CA ALA A 191 -29.18 -2.61 7.63
C ALA A 191 -29.22 -3.60 8.79
N VAL A 192 -28.07 -4.11 9.24
CA VAL A 192 -28.05 -5.08 10.35
C VAL A 192 -27.84 -4.38 11.71
N ALA A 193 -27.78 -3.02 11.72
CA ALA A 193 -27.59 -2.15 12.91
C ALA A 193 -26.49 -2.72 13.82
N GLN A 194 -25.21 -2.54 13.40
CA GLN A 194 -24.05 -3.05 14.12
C GLN A 194 -23.02 -1.94 14.26
N VAL A 195 -23.49 -0.69 14.28
CA VAL A 195 -22.69 0.49 14.59
C VAL A 195 -22.66 0.57 16.10
N ASP A 196 -21.48 0.61 16.71
CA ASP A 196 -21.39 0.61 18.17
C ASP A 196 -20.43 1.71 18.60
N GLY A 197 -20.62 2.27 19.78
CA GLY A 197 -19.77 3.34 20.27
C GLY A 197 -18.74 2.88 21.28
N ASP A 198 -17.51 3.45 21.22
CA ASP A 198 -16.41 3.18 22.17
C ASP A 198 -15.84 4.51 22.67
N SER A 199 -15.94 4.77 23.99
CA SER A 199 -15.53 6.08 24.55
C SER A 199 -14.04 6.32 24.46
N VAL A 200 -13.20 5.26 24.45
CA VAL A 200 -11.74 5.46 24.37
C VAL A 200 -11.42 5.93 22.93
N SER A 201 -12.16 5.42 21.93
CA SER A 201 -12.01 5.75 20.51
C SER A 201 -12.66 7.07 20.20
N GLY A 202 -13.76 7.37 20.90
CA GLY A 202 -14.55 8.56 20.64
C GLY A 202 -15.22 8.51 19.27
N ILE A 203 -15.25 7.31 18.66
CA ILE A 203 -15.90 7.09 17.37
C ILE A 203 -16.86 5.96 17.47
N CYS A 204 -17.81 5.98 16.54
CA CYS A 204 -18.76 4.92 16.33
C CYS A 204 -18.24 4.07 15.18
N PHE A 205 -18.31 2.74 15.35
CA PHE A 205 -17.78 1.85 14.34
C PHE A 205 -18.54 0.54 14.32
N VAL A 206 -18.36 -0.23 13.24
CA VAL A 206 -18.97 -1.53 13.00
C VAL A 206 -18.41 -2.58 13.96
N GLY A 207 -19.30 -3.40 14.48
CA GLY A 207 -19.00 -4.57 15.28
C GLY A 207 -18.08 -4.40 16.46
N TYR A 208 -18.11 -3.22 17.11
CA TYR A 208 -17.36 -3.01 18.34
C TYR A 208 -17.79 -4.04 19.34
N LYS A 209 -19.10 -4.12 19.60
CA LYS A 209 -19.73 -5.06 20.52
C LYS A 209 -19.67 -6.49 19.91
N ASN A 210 -20.42 -6.77 18.82
CA ASN A 210 -20.40 -8.10 18.20
C ASN A 210 -19.24 -8.14 17.22
N TYR A 211 -18.07 -8.50 17.77
CA TYR A 211 -16.78 -8.58 17.08
C TYR A 211 -16.85 -9.46 15.82
N ARG A 212 -17.87 -10.34 15.72
CA ARG A 212 -18.06 -11.24 14.59
C ARG A 212 -18.45 -10.48 13.30
N TYR A 213 -19.09 -9.28 13.43
CA TYR A 213 -19.46 -8.47 12.28
C TYR A 213 -18.23 -7.73 11.70
N ARG A 214 -17.11 -7.68 12.46
CA ARG A 214 -15.86 -7.08 11.99
C ARG A 214 -15.12 -8.03 11.07
N ALA A 215 -15.44 -9.33 11.10
CA ALA A 215 -14.75 -10.22 10.17
C ALA A 215 -15.13 -9.84 8.76
N GLY A 216 -16.40 -9.99 8.42
CA GLY A 216 -16.92 -9.67 7.09
C GLY A 216 -16.81 -8.22 6.67
N PHE A 217 -17.03 -7.26 7.59
CA PHE A 217 -17.01 -5.85 7.22
C PHE A 217 -15.69 -5.14 7.46
N VAL A 218 -14.72 -5.76 8.13
CA VAL A 218 -13.47 -5.06 8.38
C VAL A 218 -12.31 -5.92 7.93
N LEU A 219 -12.18 -7.14 8.48
CA LEU A 219 -11.07 -7.99 8.12
C LEU A 219 -11.18 -8.53 6.70
N ALA A 220 -12.40 -8.83 6.21
CA ALA A 220 -12.51 -9.36 4.85
C ALA A 220 -12.22 -8.28 3.76
N PRO A 221 -12.72 -7.02 3.83
CA PRO A 221 -12.37 -6.05 2.77
C PRO A 221 -10.89 -5.68 2.80
N ILE A 222 -10.39 -5.34 3.98
CA ILE A 222 -8.99 -4.97 4.19
C ILE A 222 -8.11 -6.19 3.81
N GLY A 223 -8.51 -7.39 4.21
CA GLY A 223 -7.78 -8.60 3.84
C GLY A 223 -7.62 -8.72 2.34
N LEU A 224 -8.71 -8.48 1.56
CA LEU A 224 -8.79 -8.54 0.11
C LEU A 224 -7.88 -7.52 -0.57
N VAL A 225 -7.90 -6.25 -0.06
CA VAL A 225 -7.09 -5.17 -0.63
C VAL A 225 -5.61 -5.52 -0.43
N LEU A 226 -5.23 -6.22 0.68
CA LEU A 226 -3.85 -6.64 0.87
C LEU A 226 -3.51 -7.73 -0.15
N ILE A 227 -4.51 -8.52 -0.58
CA ILE A 227 -4.28 -9.58 -1.56
C ILE A 227 -4.12 -8.97 -2.98
N VAL A 228 -5.13 -8.24 -3.46
CA VAL A 228 -5.16 -7.61 -4.78
C VAL A 228 -4.07 -6.49 -4.86
N GLY A 229 -3.94 -5.67 -3.80
CA GLY A 229 -2.92 -4.63 -3.73
C GLY A 229 -1.53 -5.21 -3.70
N GLY A 230 -1.31 -6.19 -2.83
CA GLY A 230 -0.04 -6.88 -2.69
C GLY A 230 0.39 -7.61 -3.95
N TYR A 231 -0.58 -8.12 -4.73
CA TYR A 231 -0.30 -8.79 -6.01
C TYR A 231 0.29 -7.80 -7.00
N PHE A 232 -0.32 -6.62 -7.13
CA PHE A 232 0.16 -5.63 -8.07
C PHE A 232 1.48 -4.99 -7.59
N LEU A 233 1.75 -4.95 -6.27
CA LEU A 233 3.03 -4.40 -5.79
C LEU A 233 4.16 -5.38 -6.06
N ILE A 234 3.95 -6.68 -5.80
CA ILE A 234 4.96 -7.71 -6.04
C ILE A 234 5.24 -7.86 -7.58
N ARG A 235 4.17 -7.97 -8.43
CA ARG A 235 4.32 -8.14 -9.89
C ARG A 235 5.08 -6.96 -10.56
N GLY A 236 4.95 -5.77 -9.98
CA GLY A 236 5.64 -4.56 -10.40
C GLY A 236 7.11 -4.60 -10.03
N VAL A 237 7.46 -4.86 -8.73
CA VAL A 237 8.88 -4.95 -8.33
C VAL A 237 9.52 -6.13 -9.03
N MET A 238 8.72 -7.16 -9.40
CA MET A 238 9.21 -8.30 -10.17
C MET A 238 9.73 -7.82 -11.52
N THR A 239 9.05 -6.81 -12.09
CA THR A 239 9.40 -6.20 -13.37
C THR A 239 10.53 -5.18 -13.15
N LEU A 240 10.43 -4.32 -12.10
CA LEU A 240 11.49 -3.36 -11.82
C LEU A 240 12.81 -4.08 -11.66
N PHE A 241 12.85 -5.15 -10.85
CA PHE A 241 14.09 -5.87 -10.63
C PHE A 241 14.47 -6.74 -11.85
N SER A 242 13.53 -7.12 -12.73
CA SER A 242 13.89 -7.91 -13.92
C SER A 242 14.65 -7.02 -14.92
N ILE A 243 14.12 -5.81 -15.16
CA ILE A 243 14.59 -4.77 -16.05
C ILE A 243 15.95 -4.25 -15.54
N LYS A 244 16.01 -3.76 -14.29
CA LYS A 244 17.22 -3.19 -13.69
C LYS A 244 18.36 -4.21 -13.58
N SER A 245 18.05 -5.50 -13.37
CA SER A 245 19.09 -6.52 -13.24
C SER A 245 19.57 -6.98 -14.58
N ASN A 246 18.66 -7.21 -15.55
CA ASN A 246 19.01 -7.69 -16.88
C ASN A 246 19.80 -6.64 -17.67
N HIS A 247 19.37 -5.36 -17.61
CA HIS A 247 20.09 -4.27 -18.26
C HIS A 247 21.51 -4.20 -17.71
N ALA A 248 21.65 -4.39 -16.38
CA ALA A 248 22.93 -4.41 -15.70
C ALA A 248 23.73 -5.67 -16.07
N ASP A 249 23.04 -6.82 -16.26
CA ASP A 249 23.66 -8.08 -16.66
C ASP A 249 24.18 -8.02 -18.08
N LEU A 250 23.38 -7.48 -19.01
CA LEU A 250 23.69 -7.37 -20.43
C LEU A 250 24.77 -6.30 -20.70
N GLU A 251 24.84 -5.28 -19.83
CA GLU A 251 25.82 -4.19 -19.82
C GLU A 251 27.17 -4.75 -19.39
N ASP A 252 27.22 -5.47 -18.23
CA ASP A 252 28.43 -6.09 -17.66
C ASP A 252 29.00 -7.18 -18.58
N ASN A 253 28.16 -7.84 -19.42
CA ASN A 253 28.61 -8.86 -20.36
C ASN A 253 29.23 -8.21 -21.60
N TRP A 254 28.72 -7.01 -22.00
CA TRP A 254 29.23 -6.19 -23.10
C TRP A 254 30.59 -5.62 -22.68
N GLU A 255 30.70 -5.16 -21.42
CA GLU A 255 31.90 -4.57 -20.85
C GLU A 255 33.02 -5.59 -20.76
N THR A 256 32.76 -6.82 -20.31
CA THR A 256 33.84 -7.84 -20.21
C THR A 256 34.25 -8.26 -21.63
N LEU A 257 33.29 -8.27 -22.58
CA LEU A 257 33.50 -8.57 -23.99
C LEU A 257 34.46 -7.53 -24.60
N ASN A 258 34.26 -6.26 -24.25
CA ASN A 258 35.08 -5.12 -24.63
C ASN A 258 36.44 -5.20 -23.99
N ASP A 259 36.48 -5.56 -22.68
CA ASP A 259 37.70 -5.72 -21.89
C ASP A 259 38.62 -6.73 -22.52
N ASN A 260 38.06 -7.90 -22.87
CA ASN A 260 38.81 -8.99 -23.49
C ASN A 260 39.21 -8.65 -24.90
N LEU A 261 38.39 -7.85 -25.65
CA LEU A 261 38.73 -7.42 -27.01
C LEU A 261 39.98 -6.52 -26.99
N LYS A 262 40.22 -5.82 -25.86
CA LYS A 262 41.40 -4.98 -25.66
C LYS A 262 42.57 -5.87 -25.26
N VAL A 263 42.28 -6.91 -24.43
CA VAL A 263 43.27 -7.91 -23.98
C VAL A 263 43.77 -8.68 -25.22
N ILE A 264 42.90 -8.95 -26.22
CA ILE A 264 43.24 -9.61 -27.48
C ILE A 264 44.07 -8.64 -28.37
N GLU A 265 43.59 -7.39 -28.56
CA GLU A 265 44.22 -6.34 -29.37
C GLU A 265 45.65 -6.03 -28.88
N LYS A 266 45.85 -5.98 -27.55
CA LYS A 266 47.14 -5.69 -26.92
C LYS A 266 47.83 -6.99 -26.36
N ALA A 267 47.45 -8.18 -26.90
CA ALA A 267 48.07 -9.44 -26.46
C ALA A 267 49.43 -9.61 -27.10
N ASP A 268 50.43 -10.03 -26.29
CA ASP A 268 51.79 -10.23 -26.78
C ASP A 268 52.07 -11.74 -26.99
N ASN A 269 51.06 -12.60 -26.77
CA ASN A 269 51.16 -14.07 -26.97
C ASN A 269 49.79 -14.69 -27.26
N ALA A 270 49.79 -15.91 -27.85
CA ALA A 270 48.60 -16.69 -28.20
C ALA A 270 47.82 -17.21 -26.97
N ALA A 271 48.50 -17.36 -25.80
CA ALA A 271 47.88 -17.85 -24.57
C ALA A 271 46.88 -16.83 -24.00
N GLN A 272 47.18 -15.51 -24.11
CA GLN A 272 46.33 -14.42 -23.64
C GLN A 272 45.05 -14.34 -24.48
N VAL A 273 45.18 -14.35 -25.85
CA VAL A 273 44.08 -14.32 -26.83
C VAL A 273 43.09 -15.48 -26.55
N LYS A 274 43.65 -16.69 -26.26
CA LYS A 274 42.92 -17.92 -25.97
C LYS A 274 42.01 -17.78 -24.71
N ASP A 275 42.57 -17.35 -23.54
CA ASP A 275 41.80 -17.18 -22.31
C ASP A 275 40.84 -15.98 -22.39
N ALA A 276 41.18 -14.96 -23.21
CA ALA A 276 40.35 -13.78 -23.40
C ALA A 276 39.14 -14.09 -24.27
N LEU A 277 39.27 -15.07 -25.20
CA LEU A 277 38.17 -15.46 -26.06
C LEU A 277 37.21 -16.39 -25.34
N THR A 278 37.74 -17.25 -24.42
CA THR A 278 36.91 -18.18 -23.65
C THR A 278 36.06 -17.41 -22.64
N LYS A 279 36.63 -16.31 -22.10
CA LYS A 279 35.96 -15.42 -21.14
C LYS A 279 34.85 -14.64 -21.86
N MET A 280 35.08 -14.32 -23.15
CA MET A 280 34.14 -13.64 -24.05
C MET A 280 33.00 -14.55 -24.43
N ARG A 281 33.28 -15.87 -24.55
CA ARG A 281 32.28 -16.90 -24.90
C ARG A 281 31.36 -17.16 -23.71
N ALA A 282 31.92 -17.21 -22.47
CA ALA A 282 31.17 -17.41 -21.21
C ALA A 282 30.26 -16.20 -20.92
N ALA A 283 30.73 -15.00 -21.30
CA ALA A 283 30.00 -13.74 -21.17
C ALA A 283 28.91 -13.62 -22.24
N ALA A 284 29.13 -14.25 -23.42
CA ALA A 284 28.18 -14.27 -24.54
C ALA A 284 26.98 -15.18 -24.24
N LEU A 285 27.23 -16.30 -23.53
CA LEU A 285 26.19 -17.25 -23.14
C LEU A 285 25.37 -16.67 -22.00
N ASP A 286 26.06 -16.02 -21.01
CA ASP A 286 25.45 -15.35 -19.85
C ASP A 286 24.52 -14.23 -20.35
N ALA A 287 24.93 -13.52 -21.43
CA ALA A 287 24.16 -12.45 -22.05
C ALA A 287 22.97 -13.03 -22.85
N GLN A 288 23.17 -14.21 -23.49
CA GLN A 288 22.13 -14.91 -24.25
C GLN A 288 21.01 -15.40 -23.30
N LYS A 289 21.42 -15.83 -22.08
CA LYS A 289 20.58 -16.32 -20.99
C LYS A 289 20.05 -15.12 -20.17
N ALA A 290 19.45 -14.14 -20.88
CA ALA A 290 18.88 -12.90 -20.33
C ALA A 290 17.81 -12.32 -21.27
N THR A 291 16.94 -11.48 -20.72
CA THR A 291 15.86 -10.82 -21.46
C THR A 291 16.17 -9.32 -21.53
N PRO A 292 16.32 -8.75 -22.74
CA PRO A 292 16.57 -7.31 -22.82
C PRO A 292 15.34 -6.53 -22.37
N PRO A 293 15.51 -5.40 -21.64
CA PRO A 293 14.34 -4.64 -21.15
C PRO A 293 13.28 -4.34 -22.22
N LYS A 294 13.70 -4.13 -23.49
CA LYS A 294 12.79 -3.85 -24.61
C LYS A 294 11.96 -5.08 -25.00
N LEU A 295 12.46 -6.30 -24.67
CA LEU A 295 11.81 -7.57 -24.98
C LEU A 295 11.21 -8.25 -23.71
N GLU A 296 10.87 -7.45 -22.66
CA GLU A 296 10.32 -7.93 -21.37
C GLU A 296 8.83 -8.34 -21.49
N ASP A 297 8.01 -7.49 -22.14
CA ASP A 297 6.57 -7.71 -22.36
C ASP A 297 6.30 -8.74 -23.49
N LYS A 298 7.38 -9.33 -24.07
CA LYS A 298 7.33 -10.33 -25.13
C LYS A 298 7.47 -11.76 -24.56
N SER A 299 6.97 -12.76 -25.31
CA SER A 299 6.98 -14.18 -24.93
C SER A 299 8.39 -14.80 -25.05
N PRO A 300 8.80 -15.66 -24.06
CA PRO A 300 10.17 -16.23 -24.10
C PRO A 300 10.43 -17.27 -25.22
N ASP A 301 9.80 -17.08 -26.41
CA ASP A 301 9.95 -17.93 -27.61
C ASP A 301 9.50 -17.18 -28.90
N SER A 302 9.34 -15.85 -28.82
CA SER A 302 8.81 -15.01 -29.91
C SER A 302 9.83 -14.85 -31.08
N PRO A 303 9.40 -14.44 -32.31
CA PRO A 303 10.38 -14.30 -33.42
C PRO A 303 11.36 -13.13 -33.21
N GLU A 304 11.05 -12.20 -32.29
CA GLU A 304 11.88 -11.05 -31.95
C GLU A 304 12.94 -11.49 -30.93
N MET A 305 12.52 -12.24 -29.89
CA MET A 305 13.38 -12.80 -28.85
C MET A 305 14.33 -13.84 -29.46
N LYS A 306 13.93 -14.41 -30.62
CA LYS A 306 14.72 -15.38 -31.37
C LYS A 306 15.97 -14.69 -31.92
N ASP A 307 15.79 -13.51 -32.59
CA ASP A 307 16.85 -12.67 -33.19
C ASP A 307 17.94 -12.30 -32.18
N PHE A 308 17.53 -12.00 -30.93
CA PHE A 308 18.45 -11.65 -29.85
C PHE A 308 19.40 -12.81 -29.60
N ARG A 309 18.85 -13.98 -29.20
CA ARG A 309 19.59 -15.19 -28.86
C ARG A 309 20.28 -15.80 -30.11
N HIS A 310 19.79 -15.50 -31.34
CA HIS A 310 20.44 -16.00 -32.57
C HIS A 310 21.72 -15.19 -32.87
N GLY A 311 21.74 -13.92 -32.45
CA GLY A 311 22.89 -13.04 -32.61
C GLY A 311 24.07 -13.48 -31.77
N PHE A 312 23.78 -14.03 -30.57
CA PHE A 312 24.78 -14.55 -29.66
C PHE A 312 25.27 -15.91 -30.12
N ASP A 313 24.50 -16.59 -31.01
CA ASP A 313 24.90 -17.86 -31.62
C ASP A 313 25.98 -17.57 -32.64
N ILE A 314 25.78 -16.48 -33.42
CA ILE A 314 26.72 -15.98 -34.42
C ILE A 314 28.00 -15.49 -33.68
N LEU A 315 27.84 -14.72 -32.57
CA LEU A 315 28.96 -14.20 -31.78
C LEU A 315 29.77 -15.35 -31.17
N VAL A 316 29.11 -16.39 -30.59
CA VAL A 316 29.79 -17.58 -30.05
C VAL A 316 30.48 -18.30 -31.23
N GLY A 317 29.77 -18.42 -32.35
CA GLY A 317 30.28 -19.02 -33.59
C GLY A 317 31.53 -18.35 -34.09
N GLN A 318 31.55 -16.99 -34.07
CA GLN A 318 32.70 -16.18 -34.50
C GLN A 318 33.84 -16.26 -33.47
N ILE A 319 33.51 -16.43 -32.15
CA ILE A 319 34.48 -16.60 -31.06
C ILE A 319 35.16 -17.97 -31.24
N ASP A 320 34.37 -19.02 -31.52
CA ASP A 320 34.83 -20.40 -31.76
C ASP A 320 35.78 -20.43 -32.98
N ASP A 321 35.49 -19.61 -34.01
CA ASP A 321 36.34 -19.48 -35.20
C ASP A 321 37.66 -18.78 -34.84
N ALA A 322 37.61 -17.83 -33.89
CA ALA A 322 38.79 -17.10 -33.40
C ALA A 322 39.61 -17.96 -32.43
N LEU A 323 38.96 -18.93 -31.78
CA LEU A 323 39.62 -19.87 -30.85
C LEU A 323 40.37 -20.98 -31.62
N LYS A 324 39.99 -21.23 -32.89
CA LYS A 324 40.62 -22.20 -33.80
C LYS A 324 42.00 -21.66 -34.26
N LEU A 325 42.25 -20.36 -34.03
CA LEU A 325 43.47 -19.65 -34.41
C LEU A 325 44.30 -19.21 -33.18
N ALA A 326 43.68 -19.13 -31.99
CA ALA A 326 44.32 -18.68 -30.75
C ALA A 326 45.12 -19.78 -30.03
N ASN A 327 44.87 -21.08 -30.36
CA ASN A 327 45.56 -22.21 -29.74
C ASN A 327 47.04 -22.29 -30.21
N GLU A 328 47.31 -22.06 -31.52
CA GLU A 328 48.68 -22.10 -32.03
C GLU A 328 49.18 -20.65 -32.32
N GLY A 329 50.37 -20.53 -32.92
CA GLY A 329 51.03 -19.26 -33.23
C GLY A 329 50.45 -18.40 -34.34
N LYS A 330 49.11 -18.47 -34.56
CA LYS A 330 48.40 -17.65 -35.56
C LYS A 330 47.73 -16.47 -34.82
N VAL A 331 48.47 -15.84 -33.88
CA VAL A 331 48.07 -14.72 -33.01
C VAL A 331 47.53 -13.56 -33.88
N LYS A 332 48.30 -13.15 -34.91
CA LYS A 332 47.95 -12.09 -35.85
C LYS A 332 46.70 -12.45 -36.66
N GLU A 333 46.50 -13.76 -36.94
CA GLU A 333 45.35 -14.30 -37.67
C GLU A 333 44.15 -14.47 -36.74
N ALA A 334 44.40 -14.52 -35.39
CA ALA A 334 43.38 -14.64 -34.34
C ALA A 334 42.90 -13.27 -33.87
N GLN A 335 43.84 -12.30 -33.75
CA GLN A 335 43.54 -10.92 -33.36
C GLN A 335 42.73 -10.23 -34.44
N ALA A 336 43.01 -10.55 -35.73
CA ALA A 336 42.29 -10.03 -36.90
C ALA A 336 40.91 -10.69 -37.01
N ALA A 337 40.79 -11.93 -36.50
CA ALA A 337 39.52 -12.67 -36.47
C ALA A 337 38.63 -12.09 -35.38
N ALA A 338 39.24 -11.78 -34.21
CA ALA A 338 38.61 -11.14 -33.05
C ALA A 338 38.29 -9.66 -33.33
N GLU A 339 38.97 -9.05 -34.32
CA GLU A 339 38.72 -7.66 -34.74
C GLU A 339 37.42 -7.59 -35.52
N GLN A 340 37.04 -8.70 -36.22
CA GLN A 340 35.79 -8.80 -36.98
C GLN A 340 34.65 -9.20 -36.01
N LEU A 341 35.01 -9.53 -34.74
CA LEU A 341 34.08 -9.81 -33.64
C LEU A 341 33.48 -8.50 -33.15
N LYS A 342 34.24 -7.37 -33.31
CA LYS A 342 33.79 -6.04 -32.95
C LYS A 342 32.48 -5.76 -33.71
N THR A 343 32.46 -5.98 -35.05
CA THR A 343 31.30 -5.75 -35.94
C THR A 343 30.10 -6.65 -35.61
N THR A 344 30.33 -7.90 -35.13
CA THR A 344 29.25 -8.83 -34.77
C THR A 344 28.59 -8.32 -33.48
N ARG A 345 29.41 -7.99 -32.46
CA ARG A 345 28.99 -7.42 -31.17
C ARG A 345 28.13 -6.15 -31.41
N ASN A 346 28.49 -5.36 -32.43
CA ASN A 346 27.76 -4.14 -32.81
C ASN A 346 26.41 -4.45 -33.45
N ALA A 347 26.36 -5.48 -34.30
CA ALA A 347 25.14 -5.80 -35.02
C ALA A 347 24.18 -6.68 -34.20
N TYR A 348 24.59 -7.25 -33.04
CA TYR A 348 23.68 -8.14 -32.29
C TYR A 348 23.66 -7.92 -30.75
N ILE A 349 24.39 -6.93 -30.19
CA ILE A 349 24.37 -6.69 -28.73
C ILE A 349 24.09 -5.21 -28.44
N GLN A 350 24.70 -4.29 -29.22
CA GLN A 350 24.61 -2.83 -29.06
C GLN A 350 23.14 -2.33 -28.99
N LYS A 351 22.24 -2.99 -29.74
CA LYS A 351 20.81 -2.72 -29.83
C LYS A 351 20.09 -2.97 -28.47
N TYR A 352 20.59 -3.96 -27.72
CA TYR A 352 19.98 -4.43 -26.48
C TYR A 352 20.56 -3.71 -25.23
N LEU A 353 21.51 -2.77 -25.43
CA LEU A 353 22.06 -1.94 -24.36
C LEU A 353 21.24 -0.67 -24.23
N ALA A 354 20.09 -0.63 -24.94
CA ALA A 354 19.16 0.49 -24.94
C ALA A 354 18.50 0.64 -23.56
N ALA A 355 18.79 1.80 -22.91
CA ALA A 355 18.43 2.26 -21.56
C ALA A 355 17.07 1.69 -21.03
N SER A 356 15.92 2.06 -21.66
CA SER A 356 14.55 1.72 -21.22
C SER A 356 14.27 2.40 -19.84
N LYS A 357 14.68 3.71 -19.74
CA LYS A 357 14.65 4.61 -18.57
C LYS A 357 13.29 4.65 -17.86
N ILE A 358 13.30 4.29 -16.56
CA ILE A 358 12.16 4.23 -15.66
C ILE A 358 11.79 5.64 -15.20
N ASN A 359 10.54 6.09 -15.51
CA ASN A 359 10.00 7.41 -15.12
C ASN A 359 10.12 7.62 -13.59
N GLU A 360 10.55 8.83 -13.17
CA GLU A 360 10.76 9.18 -11.76
C GLU A 360 9.44 9.12 -10.96
N THR A 361 8.32 9.53 -11.60
CA THR A 361 6.98 9.53 -11.01
C THR A 361 6.56 8.09 -10.68
N MET A 362 6.73 7.16 -11.65
CA MET A 362 6.41 5.75 -11.54
C MET A 362 7.24 5.09 -10.41
N LEU A 363 8.57 5.27 -10.39
CA LEU A 363 9.43 4.71 -9.33
C LEU A 363 9.02 5.25 -7.95
N ARG A 364 8.59 6.53 -7.87
CA ARG A 364 8.18 7.18 -6.63
C ARG A 364 6.84 6.60 -6.15
N LEU A 365 5.95 6.28 -7.10
CA LEU A 365 4.65 5.69 -6.81
C LEU A 365 4.83 4.34 -6.12
N GLY A 366 5.87 3.61 -6.52
CA GLY A 366 6.26 2.34 -5.94
C GLY A 366 6.73 2.46 -4.51
N ILE A 367 7.29 3.63 -4.14
CA ILE A 367 7.72 3.90 -2.78
C ILE A 367 6.47 4.03 -1.89
N PHE A 368 5.46 4.78 -2.39
CA PHE A 368 4.20 5.06 -1.69
C PHE A 368 3.32 3.83 -1.56
N GLY A 369 3.28 3.00 -2.61
CA GLY A 369 2.51 1.77 -2.65
C GLY A 369 2.94 0.78 -1.58
N PHE A 370 4.27 0.61 -1.41
CA PHE A 370 4.83 -0.30 -0.41
C PHE A 370 4.71 0.29 1.00
N LEU A 371 4.57 1.63 1.11
CA LEU A 371 4.38 2.26 2.41
C LEU A 371 2.91 2.18 2.84
N ALA A 372 1.99 2.43 1.91
CA ALA A 372 0.55 2.30 2.17
C ALA A 372 0.21 0.84 2.47
N PHE A 373 0.89 -0.14 1.80
CA PHE A 373 0.74 -1.58 2.03
C PHE A 373 1.08 -1.94 3.46
N GLY A 374 2.34 -1.72 3.84
CA GLY A 374 2.83 -2.02 5.18
C GLY A 374 1.98 -1.43 6.30
N PHE A 375 1.44 -0.22 6.08
CA PHE A 375 0.60 0.44 7.05
C PHE A 375 -0.75 -0.29 7.20
N VAL A 376 -1.38 -0.64 6.05
CA VAL A 376 -2.64 -1.38 5.98
C VAL A 376 -2.40 -2.80 6.56
N LEU A 377 -1.20 -3.36 6.36
CA LEU A 377 -0.84 -4.66 6.89
C LEU A 377 -0.86 -4.61 8.43
N ILE A 378 -0.39 -3.48 9.04
CA ILE A 378 -0.38 -3.28 10.51
C ILE A 378 -1.86 -3.17 10.99
N THR A 379 -2.69 -2.32 10.31
CA THR A 379 -4.12 -2.11 10.57
C THR A 379 -4.81 -3.46 10.66
N PHE A 380 -4.56 -4.31 9.64
CA PHE A 380 -5.16 -5.63 9.52
C PHE A 380 -4.74 -6.51 10.68
N SER A 381 -3.50 -6.39 11.12
CA SER A 381 -2.93 -7.20 12.21
C SER A 381 -3.55 -6.80 13.56
N CYS A 382 -3.70 -5.49 13.79
CA CYS A 382 -4.27 -4.91 15.01
C CYS A 382 -5.75 -5.29 15.10
N HIS A 383 -6.53 -5.10 13.99
CA HIS A 383 -7.95 -5.47 13.90
C HIS A 383 -8.15 -6.97 14.10
N PHE A 384 -7.24 -7.78 13.53
CA PHE A 384 -7.26 -9.24 13.65
C PHE A 384 -7.04 -9.62 15.10
N TYR A 385 -6.08 -8.94 15.76
CA TYR A 385 -5.75 -9.20 17.16
C TYR A 385 -6.99 -9.02 18.02
N ASP A 386 -7.74 -7.92 17.82
CA ASP A 386 -8.96 -7.55 18.56
C ASP A 386 -10.09 -8.57 18.29
N PHE A 387 -10.11 -9.14 17.10
CA PHE A 387 -11.11 -10.12 16.72
C PHE A 387 -10.92 -11.41 17.50
N PHE A 388 -9.70 -11.93 17.51
CA PHE A 388 -9.41 -13.22 18.12
C PHE A 388 -9.38 -13.13 19.65
N ASN A 389 -9.39 -11.91 20.23
CA ASN A 389 -9.35 -11.82 21.68
C ASN A 389 -10.62 -11.19 22.32
N GLN A 390 -11.58 -10.66 21.54
CA GLN A 390 -12.75 -9.99 22.11
C GLN A 390 -13.67 -10.95 22.88
N ALA A 391 -13.79 -12.23 22.48
CA ALA A 391 -14.59 -13.21 23.22
C ALA A 391 -14.12 -13.31 24.68
N GLU A 392 -12.78 -13.29 24.86
CA GLU A 392 -12.09 -13.35 26.13
C GLU A 392 -12.37 -12.10 26.94
N TRP A 393 -12.22 -10.89 26.32
CA TRP A 393 -12.45 -9.61 26.99
C TRP A 393 -13.91 -9.50 27.40
N GLU A 394 -14.82 -10.05 26.56
CA GLU A 394 -16.25 -10.09 26.84
C GLU A 394 -16.56 -10.99 28.04
N ARG A 395 -16.01 -12.23 28.09
CA ARG A 395 -16.31 -13.14 29.20
C ARG A 395 -15.63 -12.64 30.48
N SER A 396 -14.47 -11.97 30.36
CA SER A 396 -13.81 -11.41 31.55
C SER A 396 -14.62 -10.21 32.07
N PHE A 397 -15.46 -9.59 31.21
CA PHE A 397 -16.32 -8.47 31.58
C PHE A 397 -17.58 -8.98 32.23
N ARG A 398 -18.18 -10.05 31.67
CA ARG A 398 -19.40 -10.62 32.20
C ARG A 398 -19.17 -10.95 33.69
N ASP A 399 -18.00 -11.56 34.02
CA ASP A 399 -17.55 -11.91 35.36
C ASP A 399 -17.42 -10.67 36.26
N TYR A 400 -16.90 -9.55 35.72
CA TYR A 400 -16.77 -8.31 36.49
C TYR A 400 -18.14 -7.78 36.95
N VAL A 401 -19.20 -7.90 36.10
CA VAL A 401 -20.53 -7.40 36.45
C VAL A 401 -21.14 -8.39 37.49
N LEU A 402 -20.97 -9.73 37.29
CA LEU A 402 -21.48 -10.76 38.21
C LEU A 402 -20.82 -10.63 39.58
N CYS A 403 -19.47 -10.51 39.62
CA CYS A 403 -18.67 -10.30 40.83
C CYS A 403 -19.16 -9.04 41.55
N GLN A 404 -19.43 -7.97 40.78
CA GLN A 404 -19.88 -6.71 41.37
C GLN A 404 -21.43 -6.73 41.61
N ALA A 405 -22.11 -7.87 41.34
CA ALA A 405 -23.54 -8.03 41.62
C ALA A 405 -23.74 -8.86 42.93
N ASN A 406 -22.73 -8.83 43.85
CA ASN A 406 -22.76 -9.51 45.15
C ASN A 406 -22.66 -8.48 46.29
N ASP A 419 -12.00 -6.29 45.39
CA ASP A 419 -11.77 -7.67 44.98
C ASP A 419 -12.23 -7.93 43.52
N CYS A 420 -13.18 -7.12 42.97
CA CYS A 420 -13.63 -7.28 41.58
C CYS A 420 -12.62 -6.63 40.64
N GLU A 421 -12.25 -7.35 39.58
CA GLU A 421 -11.30 -6.84 38.60
C GLU A 421 -11.71 -7.32 37.19
N ILE A 422 -11.08 -6.69 36.18
CA ILE A 422 -11.22 -7.05 34.76
C ILE A 422 -9.92 -7.81 34.46
N LYS A 423 -10.00 -9.14 34.35
CA LYS A 423 -8.84 -10.01 34.16
C LYS A 423 -8.17 -9.69 32.81
N ASN A 424 -8.88 -9.93 31.69
CA ASN A 424 -8.48 -9.68 30.30
C ASN A 424 -9.03 -8.35 29.85
N ARG A 425 -8.32 -7.66 28.95
CA ARG A 425 -8.72 -6.34 28.47
C ARG A 425 -8.08 -6.01 27.10
N PRO A 426 -8.64 -5.10 26.23
CA PRO A 426 -7.91 -4.75 25.00
C PRO A 426 -6.56 -4.06 25.30
N SER A 427 -5.57 -4.28 24.41
CA SER A 427 -4.24 -3.70 24.54
C SER A 427 -4.24 -2.25 24.04
N LEU A 428 -3.71 -1.32 24.82
CA LEU A 428 -3.74 0.07 24.39
C LEU A 428 -2.54 0.41 23.54
N LEU A 429 -1.46 -0.41 23.56
CA LEU A 429 -0.36 -0.12 22.64
C LEU A 429 -0.84 -0.56 21.27
N VAL A 430 -1.55 -1.72 21.18
CA VAL A 430 -2.11 -2.27 19.92
C VAL A 430 -3.08 -1.24 19.32
N GLU A 431 -3.95 -0.60 20.15
CA GLU A 431 -4.86 0.43 19.66
C GLU A 431 -4.05 1.67 19.19
N LYS A 432 -2.97 2.03 19.91
CA LYS A 432 -2.12 3.17 19.54
C LYS A 432 -1.24 2.82 18.30
N ILE A 433 -0.81 1.55 18.15
CA ILE A 433 -0.05 1.06 17.00
C ILE A 433 -0.96 1.07 15.75
N ASN A 434 -2.26 0.72 15.92
CA ASN A 434 -3.24 0.77 14.82
C ASN A 434 -3.46 2.19 14.35
N LEU A 435 -3.76 3.11 15.31
CA LEU A 435 -4.02 4.52 15.04
C LEU A 435 -2.82 5.22 14.42
N PHE A 436 -1.60 4.77 14.78
CA PHE A 436 -0.34 5.30 14.22
C PHE A 436 -0.25 4.90 12.77
N ALA A 437 -0.39 3.59 12.51
CA ALA A 437 -0.32 2.99 11.19
C ALA A 437 -1.53 3.36 10.31
N MET A 438 -2.52 4.04 10.87
CA MET A 438 -3.65 4.50 10.09
C MET A 438 -3.48 6.02 9.87
N PHE A 439 -3.10 6.78 10.90
CA PHE A 439 -2.91 8.21 10.71
C PHE A 439 -1.60 8.50 9.95
N GLY A 440 -0.54 7.76 10.29
CA GLY A 440 0.80 7.86 9.66
C GLY A 440 0.77 7.67 8.16
N THR A 441 -0.18 6.83 7.66
CA THR A 441 -0.42 6.58 6.24
C THR A 441 -0.92 7.86 5.58
N GLY A 442 -1.90 8.52 6.21
CA GLY A 442 -2.45 9.79 5.74
C GLY A 442 -1.39 10.86 5.64
N ILE A 443 -0.45 10.87 6.60
CA ILE A 443 0.69 11.80 6.62
C ILE A 443 1.71 11.37 5.55
N ALA A 444 1.96 10.04 5.41
CA ALA A 444 2.90 9.48 4.41
C ALA A 444 2.41 9.75 2.98
N MET A 445 1.12 9.51 2.69
CA MET A 445 0.51 9.71 1.36
C MET A 445 0.36 11.20 1.04
N SER A 446 0.41 12.07 2.07
CA SER A 446 0.36 13.52 1.86
C SER A 446 1.76 14.05 1.45
N THR A 447 2.85 13.29 1.72
CA THR A 447 4.21 13.70 1.37
C THR A 447 4.49 13.48 -0.15
N TRP A 448 3.45 13.12 -0.95
CA TRP A 448 3.57 12.96 -2.41
C TRP A 448 3.75 14.33 -3.10
N VAL A 449 3.21 15.41 -2.51
CA VAL A 449 3.33 16.74 -3.12
C VAL A 449 4.52 17.48 -2.52
N TRP A 450 5.27 16.88 -1.58
CA TRP A 450 6.43 17.55 -0.99
C TRP A 450 7.61 17.53 -1.96
N THR A 451 7.44 18.31 -3.06
CA THR A 451 8.36 18.49 -4.20
C THR A 451 8.58 19.98 -4.54
N LYS A 452 9.63 20.23 -5.34
CA LYS A 452 10.02 21.56 -5.82
C LYS A 452 8.89 22.21 -6.61
N ALA A 453 8.23 21.43 -7.48
CA ALA A 453 7.13 21.88 -8.34
C ALA A 453 5.96 22.48 -7.55
N THR A 454 5.73 22.00 -6.31
CA THR A 454 4.62 22.46 -5.48
C THR A 454 5.00 23.75 -4.75
N LEU A 455 6.30 23.89 -4.39
CA LEU A 455 6.88 25.10 -3.78
C LEU A 455 6.70 26.27 -4.75
N LEU A 456 6.81 25.97 -6.07
CA LEU A 456 6.62 26.89 -7.18
C LEU A 456 5.11 27.01 -7.52
N ILE A 457 4.31 25.97 -7.20
CA ILE A 457 2.85 25.98 -7.44
C ILE A 457 2.19 26.90 -6.41
N TRP A 458 2.76 26.95 -5.18
CA TRP A 458 2.30 27.80 -4.08
C TRP A 458 2.92 29.21 -4.17
N ARG A 459 3.83 29.42 -5.13
CA ARG A 459 4.49 30.71 -5.41
C ARG A 459 3.81 31.41 -6.58
N ARG A 460 3.33 30.61 -7.56
CA ARG A 460 2.61 31.07 -8.75
C ARG A 460 1.14 31.36 -8.42
N THR A 461 0.71 31.01 -7.19
CA THR A 461 -0.65 31.25 -6.73
C THR A 461 -0.60 32.35 -5.61
N TRP A 462 0.59 32.55 -4.97
CA TRP A 462 0.85 33.54 -3.90
C TRP A 462 0.49 34.96 -4.36
N CYS A 463 0.78 35.28 -5.63
CA CYS A 463 0.46 36.55 -6.26
C CYS A 463 -0.93 36.43 -6.94
N ARG A 464 -1.09 35.44 -7.85
CA ARG A 464 -2.32 35.19 -8.60
C ARG A 464 -3.35 34.50 -7.71
C4 SG8 B . -17.58 -3.51 27.31
C3 SG8 B . -18.08 -4.71 27.75
C2 SG8 B . -17.45 -5.91 27.36
C1 SG8 B . -16.34 -5.87 26.51
O1 SG8 B . -12.58 -1.88 24.48
CL1 SG8 B . -13.74 -5.58 24.42
F1 SG8 B . -18.16 -2.36 27.69
S1 SG8 B . -15.74 -2.05 25.76
N1 SG8 B . -13.55 -2.63 22.47
C10 SG8 B . -14.63 -3.29 21.76
C11 SG8 B . -12.42 -2.14 21.60
C12 SG8 B . -16.04 -2.76 22.25
C13 SG8 B . -16.35 -1.41 22.21
C14 SG8 B . -17.68 -0.91 22.75
C15 SG8 B . -18.56 -1.83 23.27
C16 SG8 B . -18.21 -3.31 23.37
C17 SG8 B . -17.02 -3.75 22.85
C18 SG8 B . -11.56 -3.30 20.98
C19 SG8 B . -10.62 -2.91 19.83
F2 SG8 B . -15.76 -6.99 26.15
N2 SG8 B . -10.33 -1.69 17.70
C20 SG8 B . -11.19 -1.84 18.88
C21 SG8 B . -11.61 -0.61 19.70
C22 SG8 B . -12.70 -0.91 20.71
C23 SG8 B . -10.96 -2.28 16.50
C24 SG8 B . -18.77 -5.73 24.14
C25 SG8 B . -19.60 -6.63 24.72
C26 SG8 B . -21.32 -4.89 25.08
C27 SG8 B . -20.38 -3.90 24.46
C28 SG8 B . -19.16 -4.31 24.00
N3 SG8 B . -20.95 -6.17 25.19
C5 SG8 B . -16.49 -3.48 26.43
C6 SG8 B . -15.83 -4.65 26.01
C7 SG8 B . -14.55 -2.99 24.93
C8 SG8 B . -14.72 -4.37 25.16
C9 SG8 B . -13.49 -2.46 23.95
#